data_5POZ
#
_entry.id   5POZ
#
_cell.length_a   55.312
_cell.length_b   56.470
_cell.length_c   101.917
_cell.angle_alpha   90.000
_cell.angle_beta   90.000
_cell.angle_gamma   90.000
#
_symmetry.space_group_name_H-M   'P 21 21 21'
#
loop_
_entity.id
_entity.type
_entity.pdbx_description
1 polymer 'Bromodomain-containing protein 1'
2 non-polymer 1,2-ETHANEDIOL
3 non-polymer N-{[(3R)-1-cyclopentyl-5-oxopyrrolidin-3-yl]methyl}methanesulfonamide
4 non-polymer 'SODIUM ION'
5 water water
#
_entity_poly.entity_id   1
_entity_poly.type   'polypeptide(L)'
_entity_poly.pdbx_seq_one_letter_code
;MHHHHHHSSGVDLGTENLYFQSMEQVAMELRLTELTRLLRSVLDQLQDKDPARIFAQPVSLKEVPDYLDHIKHPMDFATM
RKRLEAQGYKNLHEFEEDFDLIIDNCMKYNARDTVFYRAAVRLRDQGGVVLRQARREVDSIGLEEASGMHLPERPA
;
_entity_poly.pdbx_strand_id   A,B
#
# COMPACT_ATOMS: atom_id res chain seq x y z
N SER A 22 10.00 33.25 12.26
CA SER A 22 11.46 33.23 12.10
C SER A 22 11.83 33.26 10.64
N MET A 23 13.10 33.58 10.34
CA MET A 23 13.58 33.52 8.98
CA MET A 23 13.56 33.54 8.96
C MET A 23 13.59 32.07 8.48
N GLU A 24 13.92 31.15 9.39
CA GLU A 24 13.99 29.74 9.02
C GLU A 24 12.63 29.20 8.57
N GLN A 25 11.59 29.53 9.34
CA GLN A 25 10.22 29.18 8.96
C GLN A 25 9.88 29.63 7.55
N VAL A 26 10.17 30.88 7.24
CA VAL A 26 9.89 31.46 5.93
C VAL A 26 10.64 30.75 4.82
N ALA A 27 11.91 30.42 5.07
CA ALA A 27 12.73 29.71 4.10
C ALA A 27 12.12 28.35 3.80
N MET A 28 11.71 27.67 4.87
CA MET A 28 11.01 26.38 4.76
C MET A 28 9.75 26.49 3.92
N GLU A 29 9.00 27.56 4.15
CA GLU A 29 7.75 27.76 3.44
C GLU A 29 8.00 28.07 1.97
N LEU A 30 9.13 28.71 1.69
CA LEU A 30 9.53 28.96 0.30
CA LEU A 30 9.55 28.96 0.31
C LEU A 30 9.82 27.63 -0.40
N ARG A 31 10.51 26.74 0.30
CA ARG A 31 10.82 25.41 -0.22
C ARG A 31 9.53 24.63 -0.50
N LEU A 32 8.64 24.62 0.48
CA LEU A 32 7.34 23.97 0.31
C LEU A 32 6.57 24.57 -0.87
N THR A 33 6.63 25.88 -1.02
CA THR A 33 5.94 26.54 -2.12
C THR A 33 6.55 26.13 -3.45
N GLU A 34 7.87 25.97 -3.48
CA GLU A 34 8.56 25.54 -4.69
C GLU A 34 8.21 24.08 -5.01
N LEU A 35 8.18 23.24 -3.99
CA LEU A 35 7.79 21.84 -4.17
C LEU A 35 6.39 21.78 -4.76
N THR A 36 5.48 22.56 -4.17
CA THR A 36 4.10 22.61 -4.64
C THR A 36 4.06 23.04 -6.10
N ARG A 37 4.90 24.01 -6.48
CA ARG A 37 5.00 24.41 -7.88
C ARG A 37 5.42 23.25 -8.77
N LEU A 38 6.44 22.52 -8.34
CA LEU A 38 6.94 21.38 -9.10
C LEU A 38 5.87 20.27 -9.19
N LEU A 39 5.25 19.96 -8.06
CA LEU A 39 4.22 18.92 -8.03
C LEU A 39 2.98 19.32 -8.83
N ARG A 40 2.70 20.62 -8.92
CA ARG A 40 1.58 21.07 -9.75
C ARG A 40 1.85 20.72 -11.21
N SER A 41 3.11 20.90 -11.63
CA SER A 41 3.53 20.55 -12.98
C SER A 41 3.47 19.04 -13.22
N VAL A 42 3.96 18.26 -12.24
CA VAL A 42 3.87 16.81 -12.30
C VAL A 42 2.41 16.35 -12.40
N LEU A 43 1.55 16.91 -11.56
CA LEU A 43 0.14 16.51 -11.54
C LEU A 43 -0.53 16.78 -12.89
N ASP A 44 -0.23 17.93 -13.49
CA ASP A 44 -0.78 18.25 -14.79
C ASP A 44 -0.30 17.25 -15.84
N GLN A 45 0.98 16.89 -15.76
CA GLN A 45 1.55 15.94 -16.71
C GLN A 45 0.94 14.54 -16.54
N LEU A 46 0.72 14.11 -15.30
CA LEU A 46 0.11 12.80 -15.07
C LEU A 46 -1.34 12.76 -15.52
N GLN A 47 -2.07 13.85 -15.25
CA GLN A 47 -3.47 13.88 -15.61
C GLN A 47 -3.66 13.89 -17.15
N ASP A 48 -2.69 14.41 -17.87
CA ASP A 48 -2.73 14.39 -19.33
C ASP A 48 -2.70 12.96 -19.88
N LYS A 49 -2.19 12.03 -19.08
CA LYS A 49 -2.11 10.62 -19.49
C LYS A 49 -3.42 9.90 -19.19
N ASP A 50 -4.45 10.65 -18.79
CA ASP A 50 -5.80 10.14 -18.57
C ASP A 50 -6.77 10.94 -19.44
N PRO A 51 -6.64 10.80 -20.77
CA PRO A 51 -7.45 11.65 -21.64
C PRO A 51 -8.95 11.31 -21.54
N ALA A 52 -9.27 10.10 -21.10
CA ALA A 52 -10.67 9.70 -20.89
C ALA A 52 -11.30 10.32 -19.63
N ARG A 53 -10.47 10.93 -18.77
CA ARG A 53 -10.90 11.53 -17.49
C ARG A 53 -11.57 10.53 -16.55
N ILE A 54 -11.14 9.27 -16.65
CA ILE A 54 -11.65 8.23 -15.78
C ILE A 54 -11.29 8.51 -14.32
N PHE A 55 -10.13 9.16 -14.09
CA PHE A 55 -9.62 9.35 -12.72
C PHE A 55 -9.72 10.80 -12.24
N ALA A 56 -10.48 11.62 -12.97
CA ALA A 56 -10.56 13.04 -12.69
C ALA A 56 -11.29 13.36 -11.38
N GLN A 57 -12.28 12.55 -11.03
CA GLN A 57 -13.14 12.82 -9.88
C GLN A 57 -13.28 11.61 -8.98
N PRO A 58 -13.70 11.81 -7.71
CA PRO A 58 -13.96 10.64 -6.86
C PRO A 58 -14.95 9.69 -7.50
N VAL A 59 -14.76 8.39 -7.32
CA VAL A 59 -15.79 7.42 -7.67
C VAL A 59 -17.07 7.80 -6.94
N SER A 60 -18.18 7.90 -7.68
CA SER A 60 -19.46 8.32 -7.11
C SER A 60 -20.04 7.28 -6.16
N LEU A 61 -20.17 7.64 -4.89
CA LEU A 61 -20.69 6.70 -3.91
C LEU A 61 -22.20 6.62 -4.05
N LYS A 62 -22.79 7.60 -4.72
CA LYS A 62 -24.21 7.51 -5.03
C LYS A 62 -24.44 6.45 -6.11
N GLU A 63 -23.60 6.45 -7.14
CA GLU A 63 -23.73 5.51 -8.25
C GLU A 63 -23.06 4.15 -8.01
N VAL A 64 -22.09 4.12 -7.10
CA VAL A 64 -21.42 2.88 -6.73
C VAL A 64 -21.47 2.73 -5.21
N PRO A 65 -22.67 2.43 -4.68
CA PRO A 65 -22.83 2.47 -3.21
C PRO A 65 -22.00 1.44 -2.45
N ASP A 66 -21.47 0.40 -3.08
CA ASP A 66 -20.65 -0.57 -2.34
C ASP A 66 -19.16 -0.24 -2.38
N TYR A 67 -18.78 0.89 -2.98
CA TYR A 67 -17.37 1.13 -3.27
C TYR A 67 -16.50 1.09 -2.00
N LEU A 68 -16.97 1.66 -0.91
CA LEU A 68 -16.15 1.73 0.29
C LEU A 68 -16.05 0.40 1.02
N ASP A 69 -16.90 -0.56 0.65
CA ASP A 69 -16.75 -1.93 1.16
C ASP A 69 -15.52 -2.59 0.57
N HIS A 70 -15.11 -2.10 -0.60
CA HIS A 70 -14.00 -2.69 -1.34
C HIS A 70 -12.72 -1.90 -1.17
N ILE A 71 -12.85 -0.59 -1.27
CA ILE A 71 -11.72 0.33 -1.32
C ILE A 71 -11.70 1.20 -0.07
N LYS A 72 -10.65 1.05 0.74
CA LYS A 72 -10.64 1.70 2.05
C LYS A 72 -10.08 3.11 1.98
N HIS A 73 -9.31 3.40 0.93
CA HIS A 73 -8.76 4.74 0.77
C HIS A 73 -8.90 5.25 -0.67
N PRO A 74 -10.08 5.76 -1.02
CA PRO A 74 -10.32 6.24 -2.38
C PRO A 74 -9.43 7.45 -2.72
N MET A 75 -9.10 7.61 -4.00
CA MET A 75 -8.33 8.76 -4.43
C MET A 75 -8.65 9.10 -5.88
N ASP A 76 -8.39 10.33 -6.26
CA ASP A 76 -8.66 10.79 -7.62
C ASP A 76 -7.87 12.08 -7.84
N PHE A 77 -7.81 12.56 -9.08
CA PHE A 77 -6.99 13.73 -9.36
C PHE A 77 -7.53 15.01 -8.71
N ALA A 78 -8.85 15.17 -8.64
CA ALA A 78 -9.39 16.39 -8.04
C ALA A 78 -9.07 16.46 -6.55
N THR A 79 -9.13 15.31 -5.89
CA THR A 79 -8.82 15.28 -4.47
C THR A 79 -7.33 15.58 -4.26
N MET A 80 -6.47 15.06 -5.13
CA MET A 80 -5.04 15.35 -5.04
C MET A 80 -4.78 16.84 -5.23
N ARG A 81 -5.51 17.45 -6.16
CA ARG A 81 -5.27 18.85 -6.48
C ARG A 81 -5.68 19.73 -5.30
N LYS A 82 -6.76 19.37 -4.63
CA LYS A 82 -7.20 20.08 -3.43
C LYS A 82 -6.12 20.03 -2.35
N ARG A 83 -5.57 18.85 -2.10
CA ARG A 83 -4.51 18.72 -1.10
C ARG A 83 -3.26 19.50 -1.55
N LEU A 84 -2.96 19.43 -2.83
CA LEU A 84 -1.80 20.12 -3.37
C LEU A 84 -1.88 21.63 -3.16
N GLU A 85 -3.03 22.21 -3.50
CA GLU A 85 -3.16 23.67 -3.43
C GLU A 85 -3.23 24.16 -1.99
N ALA A 86 -3.51 23.26 -1.06
CA ALA A 86 -3.42 23.58 0.36
C ALA A 86 -2.01 23.33 0.89
N GLN A 87 -1.07 23.12 -0.02
CA GLN A 87 0.31 22.73 0.31
C GLN A 87 0.36 21.55 1.27
N GLY A 88 -0.46 20.53 1.01
CA GLY A 88 -0.57 19.38 1.88
C GLY A 88 0.35 18.23 1.56
N TYR A 89 1.19 18.37 0.53
CA TYR A 89 2.21 17.36 0.24
C TYR A 89 3.58 17.88 0.70
N LYS A 90 4.12 17.26 1.75
CA LYS A 90 5.39 17.73 2.32
C LYS A 90 6.60 17.27 1.53
N ASN A 91 6.45 16.16 0.80
CA ASN A 91 7.52 15.60 -0.01
C ASN A 91 6.93 14.84 -1.20
N LEU A 92 7.77 14.41 -2.13
CA LEU A 92 7.29 13.71 -3.32
C LEU A 92 6.70 12.34 -2.98
N HIS A 93 7.23 11.71 -1.93
CA HIS A 93 6.74 10.39 -1.54
C HIS A 93 5.25 10.44 -1.20
N GLU A 94 4.83 11.48 -0.48
CA GLU A 94 3.42 11.60 -0.11
C GLU A 94 2.52 11.74 -1.33
N PHE A 95 3.01 12.49 -2.31
CA PHE A 95 2.29 12.72 -3.57
C PHE A 95 2.20 11.43 -4.36
N GLU A 96 3.31 10.71 -4.44
CA GLU A 96 3.33 9.43 -5.15
CA GLU A 96 3.32 9.44 -5.15
C GLU A 96 2.40 8.41 -4.51
N GLU A 97 2.32 8.41 -3.18
N GLU A 97 2.29 8.42 -3.18
CA GLU A 97 1.42 7.51 -2.47
CA GLU A 97 1.43 7.46 -2.50
C GLU A 97 -0.01 7.68 -2.97
C GLU A 97 -0.05 7.69 -2.84
N ASP A 98 -0.43 8.93 -3.10
CA ASP A 98 -1.80 9.22 -3.54
C ASP A 98 -1.99 8.81 -5.01
N PHE A 99 -1.00 9.11 -5.86
CA PHE A 99 -1.09 8.69 -7.27
C PHE A 99 -1.24 7.16 -7.37
N ASP A 100 -0.43 6.46 -6.59
CA ASP A 100 -0.48 5.00 -6.58
C ASP A 100 -1.86 4.49 -6.11
N LEU A 101 -2.50 5.20 -5.19
CA LEU A 101 -3.85 4.83 -4.75
C LEU A 101 -4.85 4.86 -5.90
N ILE A 102 -4.75 5.88 -6.74
CA ILE A 102 -5.66 5.98 -7.87
C ILE A 102 -5.57 4.71 -8.73
N ILE A 103 -4.34 4.35 -9.07
CA ILE A 103 -4.04 3.17 -9.88
CA ILE A 103 -4.09 3.19 -9.91
C ILE A 103 -4.44 1.86 -9.22
N ASP A 104 -3.94 1.67 -7.99
CA ASP A 104 -4.11 0.41 -7.30
C ASP A 104 -5.57 0.15 -6.93
N ASN A 105 -6.32 1.19 -6.54
CA ASN A 105 -7.74 1.03 -6.22
C ASN A 105 -8.49 0.51 -7.45
N CYS A 106 -8.18 1.11 -8.58
CA CYS A 106 -8.83 0.76 -9.84
C CYS A 106 -8.56 -0.68 -10.27
N MET A 107 -7.30 -1.11 -10.11
CA MET A 107 -6.89 -2.42 -10.57
C MET A 107 -7.41 -3.51 -9.63
N LYS A 108 -7.89 -3.12 -8.44
CA LYS A 108 -8.53 -4.11 -7.60
CA LYS A 108 -8.56 -4.05 -7.53
C LYS A 108 -10.05 -4.17 -7.84
N TYR A 109 -10.71 -3.01 -7.90
CA TYR A 109 -12.16 -2.99 -8.06
C TYR A 109 -12.61 -3.55 -9.41
N ASN A 110 -11.82 -3.25 -10.44
CA ASN A 110 -12.18 -3.61 -11.81
C ASN A 110 -11.38 -4.78 -12.33
N ALA A 111 -12.02 -5.64 -13.14
CA ALA A 111 -11.36 -6.80 -13.72
C ALA A 111 -10.44 -6.39 -14.87
N ARG A 112 -9.52 -7.29 -15.23
CA ARG A 112 -8.52 -7.03 -16.27
C ARG A 112 -9.10 -6.68 -17.64
N ASP A 113 -10.29 -7.19 -17.93
CA ASP A 113 -10.87 -7.01 -19.26
C ASP A 113 -11.74 -5.75 -19.34
N THR A 114 -11.49 -4.78 -18.47
CA THR A 114 -12.33 -3.60 -18.48
C THR A 114 -11.56 -2.39 -18.93
N VAL A 115 -12.29 -1.40 -19.45
CA VAL A 115 -11.68 -0.15 -19.90
C VAL A 115 -11.05 0.59 -18.71
N PHE A 116 -11.64 0.41 -17.53
CA PHE A 116 -11.13 1.04 -16.32
C PHE A 116 -9.76 0.49 -15.91
N TYR A 117 -9.66 -0.84 -15.79
CA TYR A 117 -8.37 -1.46 -15.43
C TYR A 117 -7.30 -1.08 -16.45
N ARG A 118 -7.66 -1.19 -17.73
CA ARG A 118 -6.68 -0.89 -18.78
C ARG A 118 -6.23 0.58 -18.76
N ALA A 119 -7.14 1.50 -18.42
CA ALA A 119 -6.76 2.91 -18.32
C ALA A 119 -5.77 3.10 -17.18
N ALA A 120 -5.95 2.37 -16.09
CA ALA A 120 -5.04 2.48 -14.94
C ALA A 120 -3.65 1.97 -15.29
N VAL A 121 -3.59 0.86 -16.02
CA VAL A 121 -2.30 0.31 -16.44
C VAL A 121 -1.55 1.34 -17.30
N ARG A 122 -2.27 1.93 -18.24
CA ARG A 122 -1.65 2.89 -19.15
C ARG A 122 -1.18 4.13 -18.40
N LEU A 123 -1.98 4.59 -17.45
CA LEU A 123 -1.62 5.73 -16.61
C LEU A 123 -0.39 5.44 -15.76
N ARG A 124 -0.35 4.24 -15.17
CA ARG A 124 0.81 3.79 -14.42
CA ARG A 124 0.82 3.83 -14.41
C ARG A 124 2.08 3.78 -15.28
N ASP A 125 1.97 3.14 -16.44
CA ASP A 125 3.15 3.00 -17.32
C ASP A 125 3.65 4.36 -17.79
N GLN A 126 2.76 5.20 -18.31
CA GLN A 126 3.15 6.51 -18.82
C GLN A 126 3.58 7.47 -17.72
N GLY A 127 2.98 7.32 -16.55
CA GLY A 127 3.29 8.17 -15.42
C GLY A 127 4.66 7.91 -14.82
N GLY A 128 5.14 6.68 -14.97
CA GLY A 128 6.44 6.30 -14.41
C GLY A 128 7.55 7.18 -14.93
N VAL A 129 7.47 7.51 -16.21
CA VAL A 129 8.46 8.35 -16.88
C VAL A 129 8.53 9.75 -16.26
N VAL A 130 7.35 10.33 -16.04
CA VAL A 130 7.20 11.64 -15.43
C VAL A 130 7.74 11.64 -14.01
N LEU A 131 7.39 10.60 -13.25
CA LEU A 131 7.77 10.53 -11.85
C LEU A 131 9.25 10.24 -11.65
N ARG A 132 9.85 9.53 -12.61
CA ARG A 132 11.28 9.24 -12.54
C ARG A 132 12.09 10.53 -12.63
N GLN A 133 11.70 11.42 -13.52
CA GLN A 133 12.43 12.69 -13.65
C GLN A 133 12.06 13.65 -12.51
N ALA A 134 10.83 13.57 -12.02
CA ALA A 134 10.43 14.40 -10.89
C ALA A 134 11.29 14.11 -9.67
N ARG A 135 11.57 12.85 -9.42
CA ARG A 135 12.41 12.45 -8.29
C ARG A 135 13.81 13.05 -8.45
N ARG A 136 14.34 13.02 -9.66
CA ARG A 136 15.65 13.59 -9.89
C ARG A 136 15.64 15.10 -9.62
N GLU A 137 14.58 15.78 -10.04
CA GLU A 137 14.45 17.23 -9.87
C GLU A 137 14.30 17.64 -8.41
N VAL A 138 13.51 16.88 -7.66
CA VAL A 138 13.32 17.17 -6.24
C VAL A 138 14.64 17.01 -5.50
N ASP A 139 15.37 15.94 -5.83
CA ASP A 139 16.70 15.71 -5.27
C ASP A 139 17.70 16.79 -5.66
N SER A 140 17.79 17.07 -6.96
CA SER A 140 18.74 18.06 -7.48
C SER A 140 18.52 19.44 -6.85
N ILE A 141 17.36 20.02 -7.11
CA ILE A 141 17.05 21.36 -6.59
C ILE A 141 17.02 21.36 -5.06
N GLY A 142 16.76 20.20 -4.47
CA GLY A 142 16.70 20.07 -3.02
C GLY A 142 15.28 20.16 -2.51
N SER B 22 26.65 -5.84 27.95
CA SER B 22 26.11 -4.60 28.52
C SER B 22 24.60 -4.73 28.64
N MET B 23 24.00 -3.96 29.54
CA MET B 23 22.55 -3.99 29.70
CA MET B 23 22.55 -4.02 29.68
C MET B 23 21.87 -3.41 28.46
N GLU B 24 22.59 -2.58 27.73
CA GLU B 24 22.07 -2.05 26.48
C GLU B 24 21.89 -3.17 25.44
N GLN B 25 22.84 -4.13 25.39
CA GLN B 25 22.71 -5.30 24.51
C GLN B 25 21.56 -6.21 24.98
N VAL B 26 21.46 -6.40 26.30
CA VAL B 26 20.39 -7.18 26.87
C VAL B 26 19.02 -6.62 26.44
N ALA B 27 18.86 -5.31 26.59
CA ALA B 27 17.61 -4.67 26.23
C ALA B 27 17.29 -4.81 24.75
N MET B 28 18.29 -4.72 23.88
CA MET B 28 18.05 -4.88 22.46
CA MET B 28 18.08 -4.89 22.44
C MET B 28 17.62 -6.31 22.12
N GLU B 29 18.29 -7.29 22.73
CA GLU B 29 17.92 -8.67 22.50
C GLU B 29 16.51 -8.96 23.02
N LEU B 30 16.16 -8.39 24.18
CA LEU B 30 14.82 -8.56 24.71
C LEU B 30 13.76 -8.00 23.77
N ARG B 31 14.02 -6.82 23.23
CA ARG B 31 13.06 -6.22 22.30
C ARG B 31 12.94 -7.08 21.04
N LEU B 32 14.05 -7.65 20.58
CA LEU B 32 14.02 -8.55 19.44
C LEU B 32 13.17 -9.79 19.70
N THR B 33 13.38 -10.45 20.83
CA THR B 33 12.68 -11.70 21.06
C THR B 33 11.19 -11.47 21.38
N GLU B 34 10.88 -10.35 22.01
CA GLU B 34 9.48 -10.02 22.29
C GLU B 34 8.73 -9.63 21.02
N LEU B 35 9.39 -8.90 20.12
CA LEU B 35 8.80 -8.63 18.81
C LEU B 35 8.51 -9.95 18.09
N THR B 36 9.46 -10.86 18.11
CA THR B 36 9.29 -12.12 17.39
C THR B 36 8.15 -12.93 17.98
N ARG B 37 8.05 -12.95 19.32
CA ARG B 37 6.93 -13.62 19.99
CA ARG B 37 6.93 -13.62 19.99
C ARG B 37 5.60 -13.04 19.52
N LEU B 38 5.52 -11.73 19.50
CA LEU B 38 4.29 -11.06 19.07
C LEU B 38 3.94 -11.38 17.61
N LEU B 39 4.90 -11.22 16.71
CA LEU B 39 4.62 -11.47 15.29
C LEU B 39 4.27 -12.95 15.05
N ARG B 40 4.86 -13.87 15.81
CA ARG B 40 4.51 -15.28 15.62
C ARG B 40 3.05 -15.53 15.99
N SER B 41 2.62 -14.91 17.09
CA SER B 41 1.23 -15.01 17.51
C SER B 41 0.29 -14.35 16.48
N VAL B 42 0.67 -13.17 15.97
CA VAL B 42 -0.13 -12.52 14.94
C VAL B 42 -0.26 -13.41 13.70
N LEU B 43 0.87 -13.92 13.21
CA LEU B 43 0.84 -14.76 12.02
C LEU B 43 -0.05 -15.98 12.22
N ASP B 44 0.05 -16.63 13.38
N ASP B 44 0.04 -16.60 13.39
CA ASP B 44 -0.79 -17.78 13.66
CA ASP B 44 -0.78 -17.76 13.72
C ASP B 44 -2.27 -17.39 13.68
C ASP B 44 -2.26 -17.39 13.69
N GLN B 45 -2.59 -16.24 14.28
CA GLN B 45 -3.99 -15.75 14.29
C GLN B 45 -4.50 -15.48 12.88
N LEU B 46 -3.65 -14.92 12.02
CA LEU B 46 -4.04 -14.65 10.65
C LEU B 46 -4.26 -15.95 9.87
N GLN B 47 -3.29 -16.85 9.94
CA GLN B 47 -3.41 -18.15 9.23
C GLN B 47 -4.60 -18.97 9.70
N ASP B 48 -4.90 -18.93 10.99
CA ASP B 48 -6.00 -19.73 11.50
CA ASP B 48 -6.01 -19.69 11.54
C ASP B 48 -7.33 -19.29 10.89
N LYS B 49 -7.36 -18.09 10.32
CA LYS B 49 -8.58 -17.60 9.68
C LYS B 49 -8.65 -17.99 8.21
N ASP B 50 -7.66 -18.76 7.75
CA ASP B 50 -7.63 -19.24 6.36
C ASP B 50 -7.59 -20.78 6.32
N PRO B 51 -8.65 -21.43 6.83
CA PRO B 51 -8.62 -22.90 6.82
C PRO B 51 -8.65 -23.52 5.42
N ALA B 52 -9.11 -22.78 4.41
CA ALA B 52 -9.08 -23.28 3.04
C ALA B 52 -7.67 -23.21 2.44
N ARG B 53 -6.73 -22.61 3.17
CA ARG B 53 -5.33 -22.52 2.75
CA ARG B 53 -5.33 -22.51 2.75
C ARG B 53 -5.17 -21.78 1.42
N ILE B 54 -6.05 -20.82 1.16
CA ILE B 54 -5.97 -20.02 -0.06
C ILE B 54 -4.67 -19.20 -0.11
N PHE B 55 -4.22 -18.74 1.06
CA PHE B 55 -3.05 -17.85 1.15
C PHE B 55 -1.85 -18.52 1.81
N ALA B 56 -1.92 -19.84 1.94
CA ALA B 56 -0.93 -20.58 2.72
C ALA B 56 0.43 -20.71 2.04
N GLN B 57 0.42 -20.81 0.72
CA GLN B 57 1.61 -21.11 -0.07
C GLN B 57 1.66 -20.22 -1.29
N PRO B 58 2.85 -20.07 -1.90
CA PRO B 58 2.90 -19.28 -3.13
C PRO B 58 1.96 -19.81 -4.19
N VAL B 59 1.34 -18.92 -4.94
CA VAL B 59 0.52 -19.33 -6.08
C VAL B 59 1.37 -20.18 -7.02
N SER B 60 0.81 -21.29 -7.50
CA SER B 60 1.54 -22.18 -8.39
C SER B 60 1.50 -21.68 -9.81
N LEU B 61 2.68 -21.51 -10.42
CA LEU B 61 2.74 -21.08 -11.81
C LEU B 61 2.28 -22.22 -12.75
N LYS B 62 2.34 -23.46 -12.27
CA LYS B 62 1.80 -24.56 -13.06
C LYS B 62 0.29 -24.45 -13.15
N GLU B 63 -0.34 -24.15 -12.02
CA GLU B 63 -1.80 -24.01 -11.96
C GLU B 63 -2.27 -22.68 -12.57
N VAL B 64 -1.47 -21.62 -12.40
CA VAL B 64 -1.83 -20.29 -12.84
C VAL B 64 -0.68 -19.64 -13.63
N PRO B 65 -0.51 -20.04 -14.90
CA PRO B 65 0.69 -19.64 -15.64
C PRO B 65 0.80 -18.14 -15.93
N ASP B 66 -0.30 -17.38 -15.87
CA ASP B 66 -0.20 -15.96 -16.15
C ASP B 66 -0.07 -15.12 -14.88
N TYR B 67 0.12 -15.75 -13.73
CA TYR B 67 0.09 -15.00 -12.46
C TYR B 67 1.12 -13.87 -12.41
N LEU B 68 2.36 -14.16 -12.83
CA LEU B 68 3.43 -13.17 -12.77
C LEU B 68 3.35 -12.12 -13.89
N ASP B 69 2.49 -12.36 -14.87
CA ASP B 69 2.18 -11.31 -15.85
C ASP B 69 1.61 -10.09 -15.15
N HIS B 70 0.89 -10.34 -14.06
CA HIS B 70 0.13 -9.28 -13.40
C HIS B 70 0.61 -8.95 -12.02
N ILE B 71 1.13 -9.94 -11.30
CA ILE B 71 1.53 -9.71 -9.92
C ILE B 71 3.04 -9.64 -9.83
N LYS B 72 3.55 -8.46 -9.46
CA LYS B 72 4.99 -8.21 -9.48
C LYS B 72 5.71 -8.70 -8.24
N HIS B 73 5.02 -8.70 -7.10
CA HIS B 73 5.63 -9.17 -5.86
C HIS B 73 4.72 -10.15 -5.11
N PRO B 74 4.79 -11.44 -5.49
CA PRO B 74 3.98 -12.47 -4.84
C PRO B 74 4.27 -12.54 -3.34
N MET B 75 3.25 -12.91 -2.55
CA MET B 75 3.43 -13.15 -1.13
C MET B 75 2.39 -14.15 -0.64
N ASP B 76 2.72 -14.82 0.47
CA ASP B 76 1.92 -15.88 1.04
C ASP B 76 2.37 -16.12 2.47
N PHE B 77 1.60 -16.87 3.24
CA PHE B 77 1.89 -17.01 4.67
C PHE B 77 3.16 -17.82 4.94
N ALA B 78 3.46 -18.82 4.11
CA ALA B 78 4.67 -19.60 4.33
C ALA B 78 5.92 -18.74 4.14
N THR B 79 5.87 -17.88 3.12
CA THR B 79 6.98 -16.98 2.83
C THR B 79 7.13 -15.97 3.97
N MET B 80 6.01 -15.53 4.54
CA MET B 80 6.08 -14.66 5.71
C MET B 80 6.67 -15.38 6.93
N ARG B 81 6.29 -16.62 7.13
CA ARG B 81 6.79 -17.38 8.28
C ARG B 81 8.31 -17.58 8.15
N LYS B 82 8.77 -17.84 6.93
CA LYS B 82 10.20 -17.96 6.65
C LYS B 82 10.96 -16.71 7.04
N ARG B 83 10.45 -15.56 6.59
CA ARG B 83 11.06 -14.29 6.91
C ARG B 83 11.07 -14.03 8.41
N LEU B 84 9.94 -14.30 9.06
CA LEU B 84 9.81 -14.11 10.51
C LEU B 84 10.84 -14.92 11.29
N GLU B 85 10.91 -16.22 10.99
CA GLU B 85 11.75 -17.11 11.78
C GLU B 85 13.22 -16.90 11.49
N ALA B 86 13.51 -16.24 10.37
CA ALA B 86 14.88 -15.91 9.99
C ALA B 86 15.32 -14.55 10.53
N GLN B 87 14.50 -13.97 11.42
CA GLN B 87 14.75 -12.65 11.97
C GLN B 87 14.74 -11.55 10.90
N GLY B 88 13.91 -11.70 9.87
CA GLY B 88 13.85 -10.72 8.79
C GLY B 88 12.84 -9.59 8.90
N TYR B 89 12.05 -9.59 9.97
CA TYR B 89 11.14 -8.47 10.26
C TYR B 89 11.71 -7.62 11.38
N LYS B 90 12.02 -6.36 11.04
CA LYS B 90 12.65 -5.44 11.99
C LYS B 90 11.62 -4.77 12.88
N ASN B 91 10.40 -4.66 12.38
CA ASN B 91 9.31 -4.01 13.12
C ASN B 91 7.97 -4.50 12.60
N LEU B 92 6.90 -4.11 13.28
CA LEU B 92 5.55 -4.56 12.92
C LEU B 92 5.15 -4.06 11.54
N HIS B 93 5.59 -2.85 11.19
CA HIS B 93 5.21 -2.29 9.90
C HIS B 93 5.69 -3.15 8.73
N GLU B 94 6.91 -3.69 8.81
CA GLU B 94 7.43 -4.55 7.75
C GLU B 94 6.57 -5.82 7.59
N PHE B 95 6.11 -6.35 8.72
CA PHE B 95 5.20 -7.49 8.73
C PHE B 95 3.86 -7.11 8.09
N GLU B 96 3.31 -5.97 8.50
CA GLU B 96 2.05 -5.47 7.94
CA GLU B 96 2.05 -5.47 7.95
C GLU B 96 2.12 -5.32 6.43
N GLU B 97 3.24 -4.80 5.92
CA GLU B 97 3.40 -4.62 4.49
C GLU B 97 3.31 -5.93 3.73
N ASP B 98 3.88 -7.00 4.27
CA ASP B 98 3.80 -8.30 3.60
C ASP B 98 2.35 -8.82 3.65
N PHE B 99 1.67 -8.64 4.78
CA PHE B 99 0.26 -9.06 4.85
C PHE B 99 -0.57 -8.30 3.81
N ASP B 100 -0.33 -6.99 3.71
CA ASP B 100 -1.04 -6.21 2.70
C ASP B 100 -0.77 -6.71 1.27
N LEU B 101 0.44 -7.18 1.00
CA LEU B 101 0.75 -7.76 -0.30
C LEU B 101 -0.15 -8.94 -0.60
N ILE B 102 -0.30 -9.82 0.39
CA ILE B 102 -1.13 -11.01 0.21
C ILE B 102 -2.55 -10.61 -0.20
N ILE B 103 -3.11 -9.67 0.54
CA ILE B 103 -4.46 -9.17 0.30
C ILE B 103 -4.58 -8.45 -1.04
N ASP B 104 -3.65 -7.54 -1.28
CA ASP B 104 -3.70 -6.67 -2.46
C ASP B 104 -3.49 -7.49 -3.73
N ASN B 105 -2.54 -8.42 -3.70
CA ASN B 105 -2.30 -9.26 -4.89
C ASN B 105 -3.55 -10.05 -5.25
N CYS B 106 -4.22 -10.57 -4.23
CA CYS B 106 -5.43 -11.37 -4.44
C CYS B 106 -6.57 -10.51 -5.01
N MET B 107 -6.73 -9.30 -4.47
CA MET B 107 -7.78 -8.41 -4.95
C MET B 107 -7.47 -7.88 -6.36
N LYS B 108 -6.18 -7.79 -6.70
CA LYS B 108 -5.79 -7.35 -8.03
CA LYS B 108 -5.79 -7.36 -8.03
C LYS B 108 -5.95 -8.47 -9.07
N TYR B 109 -5.55 -9.68 -8.72
CA TYR B 109 -5.58 -10.80 -9.67
C TYR B 109 -6.99 -11.30 -9.93
N ASN B 110 -7.81 -11.34 -8.88
CA ASN B 110 -9.15 -11.92 -9.01
C ASN B 110 -10.24 -10.85 -9.18
N ALA B 111 -11.24 -11.17 -10.01
CA ALA B 111 -12.38 -10.27 -10.15
C ALA B 111 -13.17 -10.16 -8.84
N ARG B 112 -13.85 -9.03 -8.61
CA ARG B 112 -14.45 -8.81 -7.31
C ARG B 112 -15.59 -9.81 -7.02
N ASP B 113 -16.31 -10.24 -8.03
CA ASP B 113 -17.39 -11.20 -7.82
C ASP B 113 -16.86 -12.64 -7.92
N THR B 114 -15.88 -12.97 -7.07
CA THR B 114 -15.28 -14.30 -6.99
C THR B 114 -15.10 -14.70 -5.53
N VAL B 115 -14.96 -16.00 -5.28
CA VAL B 115 -14.77 -16.50 -3.93
C VAL B 115 -13.41 -16.07 -3.37
N PHE B 116 -12.37 -16.14 -4.20
CA PHE B 116 -11.04 -15.75 -3.71
C PHE B 116 -10.97 -14.26 -3.37
N TYR B 117 -11.55 -13.41 -4.21
CA TYR B 117 -11.54 -11.98 -3.88
C TYR B 117 -12.28 -11.74 -2.57
N ARG B 118 -13.46 -12.35 -2.41
CA ARG B 118 -14.21 -12.14 -1.17
C ARG B 118 -13.43 -12.69 0.03
N ALA B 119 -12.64 -13.74 -0.17
CA ALA B 119 -11.81 -14.28 0.91
C ALA B 119 -10.76 -13.25 1.34
N ALA B 120 -10.16 -12.58 0.36
CA ALA B 120 -9.19 -11.52 0.68
C ALA B 120 -9.82 -10.35 1.45
N VAL B 121 -11.02 -9.96 1.04
CA VAL B 121 -11.72 -8.90 1.74
C VAL B 121 -12.06 -9.32 3.18
N ARG B 122 -12.51 -10.56 3.35
CA ARG B 122 -12.78 -11.11 4.67
C ARG B 122 -11.53 -11.09 5.54
N LEU B 123 -10.43 -11.64 5.01
CA LEU B 123 -9.19 -11.72 5.77
C LEU B 123 -8.58 -10.32 6.04
N ARG B 124 -8.76 -9.41 5.09
CA ARG B 124 -8.32 -8.03 5.30
C ARG B 124 -9.00 -7.40 6.51
N ASP B 125 -10.32 -7.54 6.60
N ASP B 125 -10.29 -7.58 6.63
CA ASP B 125 -11.09 -6.99 7.73
CA ASP B 125 -11.02 -6.89 7.67
C ASP B 125 -10.63 -7.58 9.03
C ASP B 125 -10.80 -7.58 9.04
N GLN B 126 -10.64 -8.91 9.05
CA GLN B 126 -10.27 -9.63 10.26
C GLN B 126 -8.84 -9.29 10.65
N GLY B 127 -7.96 -9.28 9.65
CA GLY B 127 -6.55 -8.99 9.88
C GLY B 127 -6.29 -7.60 10.37
N GLY B 128 -7.07 -6.65 9.88
CA GLY B 128 -6.97 -5.28 10.33
C GLY B 128 -7.15 -5.19 11.84
N VAL B 129 -8.11 -5.94 12.36
CA VAL B 129 -8.38 -5.90 13.79
C VAL B 129 -7.20 -6.48 14.56
N VAL B 130 -6.74 -7.64 14.11
CA VAL B 130 -5.60 -8.30 14.74
C VAL B 130 -4.39 -7.38 14.74
N LEU B 131 -4.16 -6.70 13.62
CA LEU B 131 -2.97 -5.87 13.48
C LEU B 131 -3.07 -4.57 14.30
N ARG B 132 -4.27 -4.02 14.42
CA ARG B 132 -4.42 -2.84 15.27
C ARG B 132 -4.17 -3.19 16.74
N GLN B 133 -4.60 -4.40 17.16
CA GLN B 133 -4.32 -4.87 18.50
C GLN B 133 -2.82 -5.13 18.68
N ALA B 134 -2.18 -5.65 17.64
CA ALA B 134 -0.74 -5.86 17.70
C ALA B 134 -0.01 -4.54 17.88
N ARG B 135 -0.50 -3.47 17.25
CA ARG B 135 0.11 -2.16 17.41
C ARG B 135 -0.04 -1.67 18.86
N ARG B 136 -1.20 -1.89 19.46
CA ARG B 136 -1.38 -1.58 20.88
C ARG B 136 -0.38 -2.35 21.75
N GLU B 137 -0.14 -3.62 21.43
CA GLU B 137 0.81 -4.43 22.17
C GLU B 137 2.26 -3.94 21.98
N VAL B 138 2.61 -3.55 20.76
CA VAL B 138 3.93 -2.97 20.51
C VAL B 138 4.17 -1.77 21.44
N ASP B 139 3.15 -0.91 21.54
CA ASP B 139 3.26 0.28 22.40
C ASP B 139 3.31 -0.09 23.88
N SER B 140 2.48 -1.04 24.29
CA SER B 140 2.41 -1.45 25.69
C SER B 140 3.71 -2.14 26.14
N ILE B 141 4.24 -3.00 25.28
CA ILE B 141 5.44 -3.76 25.63
C ILE B 141 6.71 -2.91 25.52
N GLY B 142 6.65 -1.88 24.68
CA GLY B 142 7.77 -0.96 24.47
C GLY B 142 8.76 -1.40 23.41
N LEU B 143 8.24 -1.98 22.32
CA LEU B 143 9.09 -2.59 21.31
C LEU B 143 9.70 -1.58 20.34
N GLU B 144 9.10 -0.40 20.23
CA GLU B 144 9.68 0.67 19.42
C GLU B 144 10.07 1.89 20.25
#